data_7G9S
#
_entry.id   7G9S
#
_cell.length_a   53.626
_cell.length_b   70.342
_cell.length_c   57.657
_cell.angle_alpha   90.000
_cell.angle_beta   92.770
_cell.angle_gamma   90.000
#
_symmetry.space_group_name_H-M   'P 1 21 1'
#
loop_
_entity.id
_entity.type
_entity.pdbx_description
1 polymer 'Serine protease NS3'
2 non-polymer 1,2-ETHANEDIOL
3 non-polymer 'PHOSPHATE ION'
4 non-polymer (4S)-2-METHYL-2,4-PENTANEDIOL
5 non-polymer 1-(2,3-dihydro-1,4-benzoxazepin-4(5H)-yl)ethan-1-one
6 water water
#
_entity_poly.entity_id   1
_entity_poly.type   'polypeptide(L)'
_entity_poly.pdbx_seq_one_letter_code
;MLKKKQLTVLDLHPGAGKTRRVLPEIVREAIKKRLRTVILAPTRVVAAEMEEALRGLPVRYMTTAVNVTHSGTEIVDLMC
HATFTSRLLQPIRVPNYNLNIMDEAHFTDPSSIAARGYISTRVEMGEAAAIFMTATPPGTRDAFPDSNSPIMDTEVEVPE
RAWSSGFDWVTDHSGKTVWFVPSVRNGNEIAACLTKAGKRVIQLSRKTFETEFQKTKNQEWDFVITTDISEMGANFKADR
VIDSRRCLKPVILDGERVILAGPMPVTHASAAQRRGRIGRNPNKPGDEYMYGGGCAETDEGHAHWLEARMLLDNIYLQDG
LIASLYRPEADKVAAIEGEFKLRTEQRKTFVELMKRGDLPVWLAYQVASAGITYTDRRWCFDGTTNNTIMEDSVPAEVWT
KYGEKRVLKPRWMDARVCSDHAALKSFKEFAAGKR
;
_entity_poly.pdbx_strand_id   A
#
# COMPACT_ATOMS: atom_id res chain seq x y z
N MET A 1 26.46 5.43 6.68
CA MET A 1 25.04 5.75 6.89
C MET A 1 24.58 5.47 8.33
N LEU A 2 25.24 4.50 9.01
CA LEU A 2 24.87 4.00 10.34
C LEU A 2 25.22 4.93 11.51
N LYS A 3 25.71 6.15 11.24
CA LYS A 3 25.98 7.12 12.30
C LYS A 3 24.64 7.75 12.72
N LYS A 4 24.39 7.85 14.04
CA LYS A 4 23.15 8.45 14.56
C LYS A 4 22.90 9.87 14.01
N LYS A 5 21.69 10.41 14.19
CA LYS A 5 21.29 11.74 13.71
C LYS A 5 21.37 11.85 12.19
N GLN A 6 21.19 10.74 11.45
CA GLN A 6 21.27 10.81 9.99
C GLN A 6 20.24 9.93 9.28
N LEU A 7 19.54 10.52 8.33
CA LEU A 7 18.61 9.83 7.48
C LEU A 7 19.20 9.81 6.06
N THR A 8 19.50 8.61 5.54
CA THR A 8 20.08 8.45 4.21
C THR A 8 19.02 7.90 3.27
N VAL A 9 18.97 8.43 2.05
CA VAL A 9 18.05 7.97 1.02
C VAL A 9 18.85 7.16 0.01
N LEU A 10 18.61 5.86 -0.06
CA LEU A 10 19.27 4.96 -1.01
C LEU A 10 18.38 4.95 -2.25
N ASP A 11 18.69 5.84 -3.20
CA ASP A 11 17.90 6.03 -4.41
C ASP A 11 18.45 5.32 -5.65
N LEU A 12 18.98 4.10 -5.49
CA LEU A 12 19.48 3.33 -6.63
C LEU A 12 18.33 2.93 -7.56
N HIS A 13 18.55 2.96 -8.90
CA HIS A 13 17.50 2.65 -9.89
C HIS A 13 16.84 1.26 -9.70
N PRO A 14 15.63 1.02 -10.24
CA PRO A 14 15.01 -0.31 -10.06
C PRO A 14 15.87 -1.43 -10.63
N GLY A 15 16.02 -2.49 -9.84
CA GLY A 15 16.84 -3.63 -10.20
C GLY A 15 18.32 -3.44 -9.94
N ALA A 16 18.70 -2.40 -9.17
CA ALA A 16 20.11 -2.18 -8.87
C ALA A 16 20.67 -2.98 -7.70
N GLY A 17 19.87 -3.87 -7.10
CA GLY A 17 20.33 -4.68 -5.98
C GLY A 17 20.13 -4.12 -4.59
N LYS A 18 19.22 -3.15 -4.40
CA LYS A 18 18.97 -2.58 -3.07
C LYS A 18 18.57 -3.65 -2.03
N THR A 19 17.72 -4.61 -2.41
CA THR A 19 17.29 -5.67 -1.50
C THR A 19 18.22 -6.88 -1.42
N ARG A 20 18.61 -7.46 -2.58
CA ARG A 20 19.45 -8.67 -2.57
C ARG A 20 20.93 -8.42 -2.30
N ARG A 21 21.44 -7.23 -2.58
CA ARG A 21 22.87 -6.95 -2.37
C ARG A 21 23.16 -5.94 -1.26
N VAL A 22 22.56 -4.73 -1.32
CA VAL A 22 22.85 -3.67 -0.36
C VAL A 22 22.32 -3.97 1.04
N LEU A 23 21.09 -4.48 1.16
CA LEU A 23 20.48 -4.80 2.46
C LEU A 23 21.30 -5.77 3.36
N PRO A 24 21.78 -6.95 2.90
CA PRO A 24 22.60 -7.80 3.78
C PRO A 24 23.89 -7.13 4.29
N GLU A 25 24.50 -6.27 3.45
CA GLU A 25 25.69 -5.51 3.82
C GLU A 25 25.37 -4.62 5.04
N ILE A 26 24.28 -3.83 4.97
CA ILE A 26 23.86 -2.95 6.07
C ILE A 26 23.57 -3.75 7.34
N VAL A 27 22.89 -4.92 7.22
CA VAL A 27 22.54 -5.81 8.32
C VAL A 27 23.79 -6.34 9.01
N ARG A 28 24.79 -6.76 8.21
CA ARG A 28 26.07 -7.25 8.69
C ARG A 28 26.77 -6.16 9.47
N GLU A 29 26.75 -4.92 8.97
CA GLU A 29 27.38 -3.80 9.66
C GLU A 29 26.64 -3.44 10.96
N ALA A 30 25.30 -3.47 10.95
CA ALA A 30 24.51 -3.16 12.16
C ALA A 30 24.72 -4.22 13.27
N ILE A 31 24.82 -5.50 12.87
CA ILE A 31 25.05 -6.58 13.81
C ILE A 31 26.46 -6.41 14.41
N LYS A 32 27.47 -6.14 13.57
CA LYS A 32 28.85 -5.89 14.01
C LYS A 32 28.92 -4.73 15.02
N LYS A 33 28.12 -3.67 14.82
CA LYS A 33 28.09 -2.48 15.67
C LYS A 33 27.12 -2.49 16.82
N ARG A 34 26.43 -3.62 17.05
CA ARG A 34 25.43 -3.77 18.11
C ARG A 34 24.31 -2.74 18.05
N LEU A 35 23.77 -2.55 16.84
CA LEU A 35 22.70 -1.60 16.65
C LEU A 35 21.41 -2.36 16.65
N ARG A 36 20.46 -1.96 17.52
CA ARG A 36 19.13 -2.53 17.58
C ARG A 36 18.44 -2.03 16.30
N THR A 37 18.11 -2.95 15.40
CA THR A 37 17.68 -2.58 14.06
C THR A 37 16.31 -3.07 13.63
N VAL A 38 15.60 -2.24 12.85
CA VAL A 38 14.34 -2.67 12.29
C VAL A 38 14.45 -2.65 10.77
N ILE A 39 13.89 -3.65 10.10
CA ILE A 39 13.86 -3.75 8.65
C ILE A 39 12.38 -3.79 8.28
N LEU A 40 11.90 -2.78 7.57
CA LEU A 40 10.50 -2.66 7.22
C LEU A 40 10.20 -3.00 5.76
N ALA A 41 9.41 -4.04 5.56
CA ALA A 41 9.00 -4.50 4.22
C ALA A 41 7.57 -3.97 3.88
N PRO A 42 7.29 -3.54 2.64
CA PRO A 42 5.92 -3.06 2.33
C PRO A 42 4.85 -4.14 2.44
N THR A 43 5.10 -5.33 1.89
CA THR A 43 4.19 -6.47 1.80
C THR A 43 4.87 -7.76 2.29
N ARG A 44 4.07 -8.85 2.50
CA ARG A 44 4.55 -10.14 2.94
CA ARG A 44 4.55 -10.15 2.94
C ARG A 44 5.38 -10.85 1.87
N VAL A 45 5.13 -10.55 0.59
CA VAL A 45 5.88 -11.11 -0.53
C VAL A 45 7.33 -10.62 -0.49
N VAL A 46 7.53 -9.33 -0.14
CA VAL A 46 8.87 -8.73 -0.02
C VAL A 46 9.56 -9.28 1.21
N ALA A 47 8.84 -9.48 2.33
CA ALA A 47 9.42 -10.07 3.53
C ALA A 47 10.01 -11.46 3.26
N ALA A 48 9.35 -12.28 2.43
CA ALA A 48 9.84 -13.60 2.07
C ALA A 48 11.05 -13.49 1.14
N GLU A 49 11.10 -12.47 0.26
CA GLU A 49 12.28 -12.25 -0.58
C GLU A 49 13.46 -11.80 0.27
N MET A 50 13.21 -10.96 1.28
CA MET A 50 14.23 -10.47 2.20
C MET A 50 14.79 -11.63 3.02
N GLU A 51 13.95 -12.60 3.41
CA GLU A 51 14.44 -13.75 4.16
C GLU A 51 15.46 -14.55 3.32
N GLU A 52 15.21 -14.70 2.01
CA GLU A 52 16.14 -15.41 1.14
C GLU A 52 17.48 -14.67 1.00
N ALA A 53 17.44 -13.32 0.94
CA ALA A 53 18.68 -12.54 0.84
C ALA A 53 19.43 -12.48 2.18
N LEU A 54 18.69 -12.53 3.31
CA LEU A 54 19.27 -12.45 4.64
C LEU A 54 19.44 -13.82 5.30
N ARG A 55 19.23 -14.92 4.57
CA ARG A 55 19.31 -16.27 5.12
C ARG A 55 20.64 -16.55 5.78
N GLY A 56 20.60 -17.02 7.02
CA GLY A 56 21.81 -17.29 7.77
C GLY A 56 22.11 -16.20 8.79
N LEU A 57 21.71 -14.96 8.50
CA LEU A 57 21.92 -13.85 9.44
C LEU A 57 20.89 -13.92 10.58
N PRO A 58 21.30 -13.52 11.80
CA PRO A 58 20.35 -13.57 12.93
C PRO A 58 19.29 -12.45 12.87
N VAL A 59 18.19 -12.72 12.18
CA VAL A 59 17.09 -11.78 12.03
C VAL A 59 15.83 -12.38 12.65
N ARG A 60 15.10 -11.57 13.41
CA ARG A 60 13.82 -11.96 13.97
C ARG A 60 12.72 -11.62 12.96
N TYR A 61 11.94 -12.62 12.54
CA TYR A 61 10.88 -12.39 11.58
C TYR A 61 9.52 -12.23 12.27
N MET A 62 9.11 -10.97 12.50
CA MET A 62 7.84 -10.66 13.14
C MET A 62 6.77 -10.53 12.08
N THR A 63 6.56 -11.63 11.35
CA THR A 63 5.61 -11.77 10.25
C THR A 63 5.23 -13.26 10.11
N THR A 64 3.97 -13.54 9.71
CA THR A 64 3.53 -14.94 9.50
C THR A 64 3.86 -15.45 8.08
N ALA A 65 4.51 -14.59 7.26
CA ALA A 65 4.95 -14.86 5.91
C ALA A 65 6.25 -15.66 5.87
N VAL A 66 6.94 -15.84 7.03
CA VAL A 66 8.22 -16.51 7.15
C VAL A 66 8.16 -17.60 8.24
N ASN A 67 8.45 -18.85 7.87
CA ASN A 67 8.39 -19.97 8.79
C ASN A 67 9.67 -20.17 9.57
N VAL A 68 10.02 -19.20 10.43
CA VAL A 68 11.21 -19.33 11.31
C VAL A 68 10.87 -18.73 12.71
N THR A 69 11.12 -19.51 13.75
CA THR A 69 10.89 -19.10 15.12
C THR A 69 12.21 -18.48 15.62
N HIS A 70 12.13 -17.33 16.31
CA HIS A 70 13.33 -16.66 16.81
C HIS A 70 13.98 -17.43 17.94
N SER A 71 15.30 -17.29 18.07
CA SER A 71 16.07 -17.89 19.16
C SER A 71 16.13 -16.97 20.42
N GLY A 72 15.69 -15.71 20.29
CA GLY A 72 15.73 -14.75 21.37
C GLY A 72 17.01 -13.94 21.47
N THR A 73 18.04 -14.31 20.70
CA THR A 73 19.31 -13.58 20.72
C THR A 73 19.47 -12.58 19.56
N GLU A 74 18.45 -12.40 18.71
CA GLU A 74 18.54 -11.46 17.60
C GLU A 74 18.42 -10.00 18.03
N ILE A 75 19.19 -9.10 17.41
CA ILE A 75 19.00 -7.65 17.64
C ILE A 75 18.44 -6.94 16.38
N VAL A 76 18.12 -7.68 15.32
CA VAL A 76 17.53 -7.15 14.10
C VAL A 76 16.16 -7.77 13.99
N ASP A 77 15.13 -6.94 13.79
CA ASP A 77 13.75 -7.35 13.63
C ASP A 77 13.30 -7.01 12.22
N LEU A 78 12.47 -7.85 11.63
CA LEU A 78 11.93 -7.60 10.30
C LEU A 78 10.41 -7.69 10.39
N MET A 79 9.72 -6.65 9.88
CA MET A 79 8.26 -6.65 9.89
C MET A 79 7.70 -5.79 8.75
N CYS A 80 6.40 -5.87 8.48
CA CYS A 80 5.79 -5.00 7.48
C CYS A 80 5.60 -3.59 8.01
N HIS A 81 5.42 -2.60 7.09
CA HIS A 81 5.23 -1.18 7.50
C HIS A 81 4.01 -1.04 8.40
N ALA A 82 2.90 -1.71 8.03
CA ALA A 82 1.65 -1.68 8.79
C ALA A 82 1.80 -2.31 10.17
N THR A 83 2.66 -3.33 10.31
CA THR A 83 2.90 -3.97 11.60
C THR A 83 3.65 -3.01 12.51
N PHE A 84 4.62 -2.24 11.96
CA PHE A 84 5.39 -1.29 12.76
C PHE A 84 4.46 -0.25 13.40
N THR A 85 3.59 0.33 12.57
CA THR A 85 2.61 1.37 12.92
C THR A 85 1.55 0.86 13.87
N SER A 86 1.02 -0.33 13.58
CA SER A 86 0.03 -0.99 14.40
C SER A 86 0.58 -1.24 15.83
N ARG A 87 1.80 -1.76 15.95
CA ARG A 87 2.41 -1.98 17.27
C ARG A 87 2.69 -0.66 18.00
N LEU A 88 3.05 0.42 17.25
CA LEU A 88 3.23 1.74 17.86
C LEU A 88 1.87 2.22 18.46
N LEU A 89 0.74 1.98 17.77
CA LEU A 89 -0.62 2.34 18.23
C LEU A 89 -1.15 1.48 19.41
N GLN A 90 -0.87 0.17 19.36
CA GLN A 90 -1.30 -0.75 20.40
C GLN A 90 -0.49 -0.56 21.70
N PRO A 91 -1.06 -0.94 22.86
CA PRO A 91 -0.33 -0.75 24.13
C PRO A 91 0.98 -1.52 24.23
N ILE A 92 1.24 -2.48 23.31
CA ILE A 92 2.50 -3.23 23.23
C ILE A 92 3.70 -2.27 23.14
N ARG A 93 4.76 -2.52 23.92
CA ARG A 93 5.97 -1.70 23.93
C ARG A 93 6.87 -2.08 22.76
N VAL A 94 7.30 -1.07 22.00
CA VAL A 94 8.16 -1.23 20.83
C VAL A 94 9.53 -0.72 21.26
N PRO A 95 10.63 -1.46 21.02
CA PRO A 95 11.95 -0.94 21.42
C PRO A 95 12.33 0.31 20.64
N ASN A 96 13.29 1.06 21.17
CA ASN A 96 13.78 2.24 20.47
C ASN A 96 14.92 1.79 19.57
N TYR A 97 14.61 1.57 18.29
CA TYR A 97 15.59 1.12 17.34
C TYR A 97 16.61 2.20 17.01
N ASN A 98 17.92 1.87 17.18
CA ASN A 98 19.02 2.77 16.84
C ASN A 98 19.13 2.99 15.32
N LEU A 99 18.75 1.99 14.54
CA LEU A 99 18.80 2.01 13.09
C LEU A 99 17.44 1.56 12.55
N ASN A 100 16.85 2.35 11.64
CA ASN A 100 15.53 2.06 11.06
C ASN A 100 15.62 2.00 9.53
N ILE A 101 15.50 0.79 8.96
CA ILE A 101 15.61 0.64 7.51
C ILE A 101 14.24 0.37 6.91
N MET A 102 13.80 1.21 5.96
CA MET A 102 12.50 0.99 5.31
C MET A 102 12.75 0.73 3.84
N ASP A 103 12.41 -0.46 3.37
CA ASP A 103 12.54 -0.79 1.96
C ASP A 103 11.23 -0.38 1.25
N GLU A 104 11.33 0.07 -0.02
CA GLU A 104 10.20 0.59 -0.81
C GLU A 104 9.56 1.74 -0.03
N ALA A 105 10.43 2.68 0.41
CA ALA A 105 10.06 3.83 1.22
C ALA A 105 9.18 4.85 0.46
N HIS A 106 8.74 4.52 -0.78
CA HIS A 106 7.84 5.32 -1.60
C HIS A 106 6.36 4.88 -1.41
N PHE A 107 6.08 3.78 -0.66
CA PHE A 107 4.73 3.28 -0.42
C PHE A 107 3.82 4.38 0.15
N THR A 108 2.67 4.63 -0.50
CA THR A 108 1.78 5.72 -0.08
C THR A 108 0.57 5.27 0.76
N ASP A 109 0.55 4.02 1.28
CA ASP A 109 -0.53 3.59 2.15
C ASP A 109 -0.41 4.36 3.49
N PRO A 110 -1.55 4.73 4.14
CA PRO A 110 -1.46 5.58 5.35
C PRO A 110 -0.49 5.12 6.43
N SER A 111 -0.41 3.82 6.69
CA SER A 111 0.50 3.29 7.69
C SER A 111 1.99 3.43 7.28
N SER A 112 2.30 3.47 5.97
CA SER A 112 3.67 3.68 5.50
C SER A 112 4.11 5.13 5.69
N ILE A 113 3.23 6.08 5.36
CA ILE A 113 3.50 7.51 5.52
C ILE A 113 3.70 7.82 7.01
N ALA A 114 2.90 7.20 7.90
CA ALA A 114 3.01 7.48 9.33
C ALA A 114 4.32 6.90 9.92
N ALA A 115 4.74 5.70 9.47
CA ALA A 115 6.00 5.10 9.88
C ALA A 115 7.18 6.01 9.48
N ARG A 116 7.18 6.57 8.25
CA ARG A 116 8.22 7.48 7.77
C ARG A 116 8.27 8.75 8.61
N GLY A 117 7.10 9.26 8.99
CA GLY A 117 7.00 10.46 9.81
C GLY A 117 7.58 10.24 11.19
N TYR A 118 7.17 9.12 11.83
CA TYR A 118 7.64 8.74 13.15
C TYR A 118 9.15 8.54 13.18
N ILE A 119 9.70 7.78 12.21
CA ILE A 119 11.12 7.48 12.09
C ILE A 119 11.94 8.75 11.81
N SER A 120 11.49 9.60 10.86
CA SER A 120 12.18 10.85 10.53
C SER A 120 12.16 11.83 11.69
N THR A 121 11.09 11.87 12.50
CA THR A 121 11.08 12.75 13.67
C THR A 121 12.12 12.29 14.72
N ARG A 122 12.25 10.96 14.95
CA ARG A 122 13.26 10.42 15.87
C ARG A 122 14.67 10.76 15.42
N VAL A 123 14.91 10.80 14.07
CA VAL A 123 16.19 11.15 13.46
C VAL A 123 16.46 12.66 13.64
N GLU A 124 15.45 13.51 13.39
CA GLU A 124 15.50 14.97 13.58
C GLU A 124 15.82 15.29 15.06
N MET A 125 15.23 14.51 15.99
CA MET A 125 15.50 14.64 17.43
C MET A 125 16.94 14.21 17.80
N GLY A 126 17.59 13.44 16.94
CA GLY A 126 18.93 12.93 17.16
C GLY A 126 18.98 11.61 17.91
N GLU A 127 17.84 10.92 18.03
CA GLU A 127 17.78 9.67 18.79
C GLU A 127 18.09 8.42 17.98
N ALA A 128 18.03 8.50 16.63
CA ALA A 128 18.24 7.32 15.81
C ALA A 128 18.82 7.65 14.43
N ALA A 129 19.25 6.63 13.67
CA ALA A 129 19.68 6.72 12.29
C ALA A 129 18.59 6.02 11.44
N ALA A 130 18.50 6.38 10.16
CA ALA A 130 17.51 5.78 9.28
C ALA A 130 17.96 5.69 7.85
N ILE A 131 17.53 4.64 7.14
CA ILE A 131 17.82 4.45 5.72
C ILE A 131 16.49 4.18 4.97
N PHE A 132 16.18 5.02 3.99
CA PHE A 132 14.95 4.87 3.21
C PHE A 132 15.39 4.34 1.84
N MET A 133 14.97 3.14 1.46
CA MET A 133 15.39 2.57 0.18
C MET A 133 14.28 2.67 -0.86
N THR A 134 14.52 3.40 -1.95
CA THR A 134 13.57 3.49 -3.06
C THR A 134 14.20 4.10 -4.29
N ALA A 135 13.86 3.57 -5.45
CA ALA A 135 14.30 4.13 -6.72
C ALA A 135 13.64 5.50 -6.95
N THR A 136 12.47 5.76 -6.32
CA THR A 136 11.68 6.98 -6.51
C THR A 136 11.33 7.62 -5.18
N PRO A 137 12.27 8.37 -4.58
CA PRO A 137 11.96 9.08 -3.32
C PRO A 137 10.83 10.10 -3.45
N PRO A 138 10.20 10.51 -2.33
CA PRO A 138 9.10 11.49 -2.44
C PRO A 138 9.56 12.81 -3.06
N GLY A 139 8.95 13.16 -4.18
CA GLY A 139 9.30 14.38 -4.90
C GLY A 139 9.93 14.15 -6.26
N THR A 140 10.02 12.89 -6.70
CA THR A 140 10.65 12.58 -7.98
C THR A 140 9.79 12.99 -9.16
N ARG A 141 10.41 13.62 -10.13
CA ARG A 141 9.73 14.02 -11.36
C ARG A 141 10.26 13.21 -12.55
N ASP A 142 10.86 12.03 -12.30
CA ASP A 142 11.40 11.22 -13.37
C ASP A 142 10.69 9.89 -13.44
N ALA A 143 9.86 9.75 -14.45
CA ALA A 143 9.12 8.53 -14.70
C ALA A 143 9.93 7.53 -15.54
N PHE A 144 11.08 7.96 -16.11
CA PHE A 144 11.94 7.11 -16.96
C PHE A 144 13.37 6.95 -16.38
N PRO A 145 13.53 6.34 -15.18
CA PRO A 145 14.87 6.17 -14.62
C PRO A 145 15.70 5.11 -15.35
N ASP A 146 16.93 4.89 -14.89
CA ASP A 146 17.84 3.91 -15.49
C ASP A 146 17.35 2.47 -15.26
N SER A 147 17.79 1.57 -16.13
CA SER A 147 17.43 0.17 -16.02
C SER A 147 18.66 -0.74 -16.25
N ASN A 148 18.50 -2.03 -16.01
CA ASN A 148 19.58 -2.99 -16.20
C ASN A 148 19.87 -3.21 -17.69
N SER A 149 18.85 -3.18 -18.53
CA SER A 149 18.99 -3.29 -19.98
C SER A 149 18.05 -2.28 -20.66
N PRO A 150 18.34 -1.87 -21.92
CA PRO A 150 17.48 -0.87 -22.57
C PRO A 150 16.01 -1.25 -22.69
N ILE A 151 15.12 -0.28 -22.50
CA ILE A 151 13.65 -0.47 -22.57
C ILE A 151 13.11 0.35 -23.75
N MET A 152 12.17 -0.21 -24.52
CA MET A 152 11.53 0.52 -25.61
C MET A 152 10.34 1.22 -24.94
N ASP A 153 10.33 2.55 -24.89
CA ASP A 153 9.24 3.31 -24.28
C ASP A 153 8.31 3.75 -25.40
N THR A 154 7.00 3.44 -25.31
CA THR A 154 6.07 3.79 -26.38
C THR A 154 4.78 4.39 -25.87
N GLU A 155 4.51 5.65 -26.22
CA GLU A 155 3.26 6.28 -25.84
C GLU A 155 2.18 5.76 -26.79
N VAL A 156 1.12 5.16 -26.25
CA VAL A 156 0.07 4.53 -27.08
C VAL A 156 -1.30 4.60 -26.40
N GLU A 157 -2.39 4.47 -27.16
CA GLU A 157 -3.72 4.40 -26.58
C GLU A 157 -3.88 3.02 -25.93
N VAL A 158 -4.14 2.99 -24.63
CA VAL A 158 -4.29 1.75 -23.89
C VAL A 158 -5.75 1.56 -23.56
N PRO A 159 -6.31 0.40 -23.93
CA PRO A 159 -7.74 0.19 -23.65
C PRO A 159 -8.01 0.04 -22.16
N GLU A 160 -9.06 0.71 -21.69
CA GLU A 160 -9.49 0.59 -20.30
C GLU A 160 -10.85 -0.13 -20.17
N ARG A 161 -11.35 -0.73 -21.25
CA ARG A 161 -12.61 -1.49 -21.31
C ARG A 161 -12.38 -2.70 -22.26
N ALA A 162 -13.38 -3.59 -22.40
CA ALA A 162 -13.32 -4.67 -23.37
C ALA A 162 -13.31 -4.06 -24.79
N TRP A 163 -12.74 -4.77 -25.76
CA TRP A 163 -12.67 -4.25 -27.12
C TRP A 163 -12.96 -5.29 -28.16
N SER A 164 -13.47 -4.84 -29.31
CA SER A 164 -13.74 -5.71 -30.42
C SER A 164 -12.67 -5.58 -31.50
N SER A 165 -12.01 -4.41 -31.62
CA SER A 165 -10.98 -4.13 -32.62
C SER A 165 -10.15 -2.87 -32.28
N GLY A 166 -9.03 -2.67 -32.97
CA GLY A 166 -8.20 -1.49 -32.77
C GLY A 166 -6.97 -1.63 -31.88
N PHE A 167 -6.81 -2.77 -31.20
CA PHE A 167 -5.66 -2.96 -30.30
C PHE A 167 -4.97 -4.28 -30.61
N ASP A 168 -4.68 -4.51 -31.91
CA ASP A 168 -4.02 -5.73 -32.38
C ASP A 168 -2.72 -6.00 -31.63
N TRP A 169 -1.92 -4.94 -31.34
CA TRP A 169 -0.64 -5.02 -30.63
C TRP A 169 -0.75 -5.64 -29.25
N VAL A 170 -1.90 -5.51 -28.59
CA VAL A 170 -2.09 -6.09 -27.26
C VAL A 170 -2.08 -7.61 -27.32
N THR A 171 -2.92 -8.21 -28.19
CA THR A 171 -2.99 -9.68 -28.27
C THR A 171 -1.91 -10.30 -29.16
N ASP A 172 -1.45 -9.58 -30.20
CA ASP A 172 -0.39 -10.08 -31.07
C ASP A 172 0.96 -9.88 -30.39
N HIS A 173 1.24 -10.71 -29.40
CA HIS A 173 2.45 -10.67 -28.61
C HIS A 173 2.62 -12.05 -28.03
N SER A 174 3.79 -12.66 -28.28
CA SER A 174 4.11 -14.01 -27.83
C SER A 174 4.71 -14.11 -26.43
N GLY A 175 5.09 -12.99 -25.83
CA GLY A 175 5.67 -12.99 -24.50
C GLY A 175 4.67 -12.83 -23.37
N LYS A 176 5.15 -12.47 -22.20
CA LYS A 176 4.31 -12.27 -21.02
C LYS A 176 4.20 -10.76 -20.73
N THR A 177 3.01 -10.27 -20.39
CA THR A 177 2.79 -8.84 -20.13
C THR A 177 2.22 -8.62 -18.72
N VAL A 178 2.64 -7.54 -18.07
CA VAL A 178 2.15 -7.10 -16.75
C VAL A 178 1.40 -5.80 -17.07
N TRP A 179 0.09 -5.80 -16.87
CA TRP A 179 -0.79 -4.68 -17.20
C TRP A 179 -1.31 -3.99 -15.93
N PHE A 180 -1.02 -2.69 -15.76
CA PHE A 180 -1.49 -1.93 -14.61
C PHE A 180 -2.80 -1.17 -14.91
N VAL A 181 -3.91 -1.64 -14.32
CA VAL A 181 -5.24 -1.03 -14.47
C VAL A 181 -5.57 -0.11 -13.26
N PRO A 182 -6.48 0.88 -13.43
CA PRO A 182 -6.80 1.76 -12.29
C PRO A 182 -7.62 1.17 -11.15
N SER A 183 -8.29 0.02 -11.37
CA SER A 183 -9.12 -0.57 -10.33
C SER A 183 -9.40 -2.06 -10.55
N VAL A 184 -9.81 -2.77 -9.47
CA VAL A 184 -10.24 -4.15 -9.54
C VAL A 184 -11.37 -4.32 -10.59
N ARG A 185 -12.46 -3.53 -10.48
CA ARG A 185 -13.58 -3.58 -11.44
C ARG A 185 -13.12 -3.38 -12.88
N ASN A 186 -12.17 -2.45 -13.13
CA ASN A 186 -11.65 -2.26 -14.49
CA ASN A 186 -11.61 -2.22 -14.45
C ASN A 186 -10.82 -3.47 -14.94
N GLY A 187 -9.95 -3.98 -14.08
CA GLY A 187 -9.17 -5.17 -14.39
C GLY A 187 -10.02 -6.40 -14.69
N ASN A 188 -11.15 -6.60 -13.96
CA ASN A 188 -12.04 -7.75 -14.21
C ASN A 188 -12.57 -7.69 -15.67
N GLU A 189 -12.90 -6.49 -16.17
CA GLU A 189 -13.41 -6.36 -17.55
C GLU A 189 -12.36 -6.69 -18.62
N ILE A 190 -11.15 -6.16 -18.46
CA ILE A 190 -10.06 -6.44 -19.39
C ILE A 190 -9.65 -7.92 -19.32
N ALA A 191 -9.65 -8.49 -18.11
CA ALA A 191 -9.26 -9.90 -17.95
C ALA A 191 -10.23 -10.81 -18.65
N ALA A 192 -11.54 -10.49 -18.56
CA ALA A 192 -12.59 -11.27 -19.24
C ALA A 192 -12.45 -11.17 -20.76
N CYS A 193 -12.05 -10.00 -21.27
CA CYS A 193 -11.81 -9.80 -22.69
C CYS A 193 -10.61 -10.67 -23.12
N LEU A 194 -9.45 -10.55 -22.43
CA LEU A 194 -8.24 -11.34 -22.71
C LEU A 194 -8.50 -12.84 -22.62
N THR A 195 -9.23 -13.28 -21.58
CA THR A 195 -9.60 -14.69 -21.38
C THR A 195 -10.42 -15.19 -22.56
N LYS A 196 -11.44 -14.40 -22.98
CA LYS A 196 -12.28 -14.76 -24.11
C LYS A 196 -11.47 -14.96 -25.39
N ALA A 197 -10.38 -14.20 -25.56
CA ALA A 197 -9.54 -14.31 -26.75
C ALA A 197 -8.43 -15.39 -26.65
N GLY A 198 -8.52 -16.26 -25.67
CA GLY A 198 -7.57 -17.35 -25.50
C GLY A 198 -6.34 -17.07 -24.66
N LYS A 199 -6.41 -16.11 -23.72
CA LYS A 199 -5.26 -15.80 -22.87
C LYS A 199 -5.39 -16.33 -21.44
N ARG A 200 -4.26 -16.57 -20.79
CA ARG A 200 -4.19 -17.02 -19.41
C ARG A 200 -3.87 -15.79 -18.56
N VAL A 201 -4.82 -15.40 -17.69
CA VAL A 201 -4.70 -14.17 -16.92
C VAL A 201 -4.74 -14.39 -15.43
N ILE A 202 -3.82 -13.77 -14.69
CA ILE A 202 -3.86 -13.80 -13.23
C ILE A 202 -4.16 -12.36 -12.77
N GLN A 203 -5.15 -12.18 -11.89
CA GLN A 203 -5.49 -10.84 -11.42
C GLN A 203 -4.97 -10.61 -10.01
N LEU A 204 -4.25 -9.52 -9.79
CA LEU A 204 -3.67 -9.23 -8.49
C LEU A 204 -4.24 -7.94 -7.93
N SER A 205 -4.59 -7.92 -6.65
CA SER A 205 -5.12 -6.74 -5.95
C SER A 205 -4.64 -6.72 -4.48
N ARG A 206 -4.88 -5.63 -3.73
CA ARG A 206 -4.44 -5.56 -2.33
C ARG A 206 -4.94 -6.68 -1.42
N LYS A 207 -6.21 -7.10 -1.57
CA LYS A 207 -6.76 -8.16 -0.71
C LYS A 207 -6.38 -9.57 -1.16
N THR A 208 -6.05 -9.77 -2.44
CA THR A 208 -5.71 -11.11 -2.94
C THR A 208 -4.21 -11.30 -3.24
N PHE A 209 -3.38 -10.27 -3.01
CA PHE A 209 -1.96 -10.20 -3.35
C PHE A 209 -1.13 -11.45 -3.00
N GLU A 210 -1.08 -11.88 -1.73
CA GLU A 210 -0.25 -13.04 -1.36
C GLU A 210 -0.63 -14.35 -2.05
N THR A 211 -1.92 -14.70 -2.04
CA THR A 211 -2.38 -15.96 -2.63
C THR A 211 -2.23 -16.01 -4.16
N GLU A 212 -2.61 -14.92 -4.85
CA GLU A 212 -2.52 -14.87 -6.31
C GLU A 212 -1.09 -14.70 -6.86
N PHE A 213 -0.20 -14.00 -6.13
CA PHE A 213 1.18 -13.79 -6.61
C PHE A 213 1.92 -15.11 -6.84
N GLN A 214 1.67 -16.11 -5.98
CA GLN A 214 2.28 -17.43 -6.06
C GLN A 214 2.08 -18.06 -7.44
N LYS A 215 0.88 -17.86 -8.02
CA LYS A 215 0.51 -18.38 -9.35
C LYS A 215 1.38 -17.87 -10.50
N THR A 216 2.07 -16.73 -10.34
CA THR A 216 2.93 -16.23 -11.40
C THR A 216 4.20 -17.09 -11.56
N LYS A 217 4.64 -17.73 -10.46
CA LYS A 217 5.78 -18.65 -10.38
C LYS A 217 5.33 -20.12 -10.51
N ASN A 218 4.11 -20.42 -10.04
CA ASN A 218 3.52 -21.75 -10.00
C ASN A 218 3.09 -22.28 -11.37
N GLN A 219 2.60 -21.39 -12.25
CA GLN A 219 2.13 -21.82 -13.56
C GLN A 219 2.41 -20.81 -14.66
N GLU A 220 2.40 -21.26 -15.91
CA GLU A 220 2.59 -20.41 -17.07
C GLU A 220 1.42 -19.42 -17.19
N TRP A 221 1.70 -18.23 -17.69
CA TRP A 221 0.67 -17.21 -17.87
C TRP A 221 0.99 -16.33 -19.09
N ASP A 222 0.00 -15.58 -19.56
CA ASP A 222 0.17 -14.70 -20.70
C ASP A 222 0.10 -13.24 -20.25
N PHE A 223 -0.82 -12.93 -19.32
CA PHE A 223 -0.98 -11.60 -18.80
C PHE A 223 -1.18 -11.64 -17.30
N VAL A 224 -0.74 -10.57 -16.65
CA VAL A 224 -0.97 -10.35 -15.23
C VAL A 224 -1.70 -9.00 -15.19
N ILE A 225 -2.91 -8.97 -14.66
CA ILE A 225 -3.69 -7.74 -14.55
C ILE A 225 -3.57 -7.31 -13.12
N THR A 226 -3.01 -6.14 -12.86
CA THR A 226 -2.82 -5.70 -11.48
C THR A 226 -3.13 -4.24 -11.25
N THR A 227 -3.46 -3.93 -10.00
CA THR A 227 -3.63 -2.58 -9.53
C THR A 227 -2.22 -2.04 -9.10
N ASP A 228 -2.15 -0.80 -8.56
CA ASP A 228 -0.91 -0.15 -8.15
C ASP A 228 -0.14 -0.89 -7.03
N ILE A 229 -0.64 -2.06 -6.55
CA ILE A 229 0.04 -2.81 -5.50
C ILE A 229 1.35 -3.43 -6.02
N SER A 230 1.41 -3.82 -7.31
CA SER A 230 2.65 -4.41 -7.85
C SER A 230 3.79 -3.41 -8.03
N GLU A 231 3.61 -2.14 -7.62
CA GLU A 231 4.65 -1.12 -7.61
C GLU A 231 5.62 -1.30 -6.42
N MET A 232 5.29 -2.18 -5.46
CA MET A 232 6.08 -2.36 -4.25
C MET A 232 6.92 -3.65 -4.19
N GLY A 233 7.92 -3.75 -5.05
CA GLY A 233 8.87 -4.87 -5.01
C GLY A 233 8.44 -6.14 -5.70
N ALA A 234 7.17 -6.21 -6.13
CA ALA A 234 6.65 -7.40 -6.83
C ALA A 234 7.40 -7.60 -8.14
N ASN A 235 8.05 -8.77 -8.29
CA ASN A 235 8.83 -9.02 -9.48
C ASN A 235 8.28 -10.13 -10.34
N PHE A 236 8.42 -9.97 -11.65
CA PHE A 236 7.91 -10.89 -12.68
C PHE A 236 9.01 -11.20 -13.70
N LYS A 237 8.82 -12.22 -14.54
CA LYS A 237 9.78 -12.53 -15.60
C LYS A 237 9.03 -12.33 -16.88
N ALA A 238 8.76 -11.07 -17.19
CA ALA A 238 7.96 -10.66 -18.34
C ALA A 238 8.75 -9.76 -19.32
N ASP A 239 8.28 -9.62 -20.56
CA ASP A 239 8.95 -8.79 -21.56
C ASP A 239 8.22 -7.50 -21.88
N ARG A 240 7.04 -7.25 -21.27
CA ARG A 240 6.29 -6.05 -21.57
C ARG A 240 5.49 -5.56 -20.37
N VAL A 241 5.36 -4.24 -20.24
CA VAL A 241 4.50 -3.61 -19.26
C VAL A 241 3.53 -2.72 -20.03
N ILE A 242 2.24 -2.96 -19.88
CA ILE A 242 1.21 -2.10 -20.43
C ILE A 242 0.78 -1.26 -19.21
N ASP A 243 0.85 0.06 -19.32
CA ASP A 243 0.49 0.94 -18.22
C ASP A 243 -0.56 1.96 -18.65
N SER A 244 -1.78 1.84 -18.07
CA SER A 244 -2.85 2.80 -18.33
C SER A 244 -2.46 4.21 -17.85
N ARG A 245 -1.52 4.31 -16.88
CA ARG A 245 -1.04 5.55 -16.24
C ARG A 245 -2.15 6.22 -15.41
N ARG A 246 -3.14 5.47 -14.99
CA ARG A 246 -4.29 5.94 -14.22
C ARG A 246 -4.44 5.14 -12.92
N CYS A 247 -5.11 5.77 -11.96
CA CYS A 247 -5.31 5.25 -10.60
C CYS A 247 -6.53 5.93 -9.95
N LEU A 248 -7.10 5.27 -8.94
CA LEU A 248 -8.20 5.84 -8.16
C LEU A 248 -7.63 6.68 -7.03
N LYS A 249 -8.32 7.73 -6.63
CA LYS A 249 -7.84 8.60 -5.56
C LYS A 249 -8.91 8.78 -4.50
N PRO A 250 -8.68 8.37 -3.25
CA PRO A 250 -9.69 8.63 -2.21
C PRO A 250 -9.63 10.11 -1.82
N VAL A 251 -10.78 10.77 -1.81
CA VAL A 251 -10.88 12.19 -1.48
C VAL A 251 -11.97 12.42 -0.44
N ILE A 252 -11.66 13.21 0.59
CA ILE A 252 -12.60 13.60 1.64
C ILE A 252 -13.28 14.90 1.18
N LEU A 253 -14.60 14.86 0.95
CA LEU A 253 -15.36 16.04 0.52
C LEU A 253 -16.01 16.67 1.72
N ASP A 254 -15.74 17.94 1.96
CA ASP A 254 -16.32 18.71 3.07
C ASP A 254 -16.07 18.11 4.45
N GLY A 255 -15.10 17.21 4.58
CA GLY A 255 -14.77 16.51 5.82
C GLY A 255 -15.93 15.65 6.35
N GLU A 256 -16.80 15.21 5.45
CA GLU A 256 -18.07 14.53 5.77
C GLU A 256 -18.22 13.16 5.13
N ARG A 257 -17.51 12.91 4.03
CA ARG A 257 -17.59 11.64 3.29
C ARG A 257 -16.32 11.42 2.46
N VAL A 258 -16.06 10.16 2.05
CA VAL A 258 -14.89 9.82 1.23
C VAL A 258 -15.35 9.22 -0.09
N ILE A 259 -14.92 9.81 -1.24
CA ILE A 259 -15.24 9.27 -2.54
C ILE A 259 -13.98 8.72 -3.22
N LEU A 260 -14.15 7.84 -4.20
CA LEU A 260 -13.01 7.35 -4.99
C LEU A 260 -13.02 8.12 -6.32
N ALA A 261 -12.28 9.23 -6.40
CA ALA A 261 -12.24 10.10 -7.56
C ALA A 261 -11.37 9.53 -8.67
N GLY A 262 -11.70 9.85 -9.92
CA GLY A 262 -10.94 9.39 -11.06
C GLY A 262 -11.66 8.34 -11.88
N PRO A 263 -10.95 7.45 -12.62
CA PRO A 263 -9.48 7.30 -12.70
C PRO A 263 -8.76 8.56 -13.15
N MET A 264 -7.64 8.85 -12.48
CA MET A 264 -6.86 10.03 -12.78
C MET A 264 -5.35 9.68 -12.89
N PRO A 265 -4.53 10.59 -13.49
CA PRO A 265 -3.11 10.28 -13.68
C PRO A 265 -2.33 9.82 -12.43
N VAL A 266 -1.40 8.89 -12.63
CA VAL A 266 -0.52 8.44 -11.55
C VAL A 266 0.62 9.47 -11.39
N THR A 267 1.29 9.47 -10.22
CA THR A 267 2.48 10.33 -10.03
C THR A 267 3.66 9.77 -10.87
N HIS A 268 4.77 10.52 -10.97
CA HIS A 268 5.98 10.10 -11.69
C HIS A 268 6.63 8.92 -10.99
N ALA A 269 6.56 8.88 -9.63
CA ALA A 269 7.09 7.77 -8.85
C ALA A 269 6.36 6.48 -9.22
N SER A 270 4.99 6.51 -9.31
CA SER A 270 4.24 5.29 -9.64
C SER A 270 4.56 4.85 -11.05
N ALA A 271 4.62 5.80 -11.99
CA ALA A 271 4.95 5.51 -13.39
C ALA A 271 6.31 4.88 -13.53
N ALA A 272 7.32 5.37 -12.78
CA ALA A 272 8.67 4.78 -12.84
C ALA A 272 8.70 3.39 -12.23
N GLN A 273 7.92 3.16 -11.16
CA GLN A 273 7.83 1.87 -10.49
C GLN A 273 7.12 0.84 -11.35
N ARG A 274 6.10 1.27 -12.12
CA ARG A 274 5.34 0.39 -12.99
C ARG A 274 6.21 -0.01 -14.18
N ARG A 275 6.90 0.96 -14.79
CA ARG A 275 7.86 0.74 -15.88
C ARG A 275 9.01 -0.17 -15.43
N GLY A 276 9.45 0.05 -14.19
CA GLY A 276 10.53 -0.67 -13.51
C GLY A 276 10.36 -2.16 -13.38
N ARG A 277 9.15 -2.71 -13.68
CA ARG A 277 8.96 -4.16 -13.61
C ARG A 277 9.73 -4.91 -14.71
N ILE A 278 10.05 -4.24 -15.82
CA ILE A 278 10.75 -4.81 -16.94
C ILE A 278 12.11 -4.07 -17.13
N GLY A 279 12.96 -4.61 -17.99
CA GLY A 279 14.30 -4.06 -18.17
C GLY A 279 15.24 -4.47 -17.06
N ARG A 280 14.90 -5.54 -16.31
CA ARG A 280 15.70 -5.98 -15.16
C ARG A 280 16.83 -6.97 -15.49
N ASN A 281 16.78 -7.62 -16.65
CA ASN A 281 17.80 -8.59 -17.03
C ASN A 281 18.70 -7.99 -18.11
N PRO A 282 20.00 -7.75 -17.80
CA PRO A 282 20.91 -7.20 -18.82
C PRO A 282 21.09 -8.11 -20.04
N ASN A 283 20.84 -9.42 -19.87
CA ASN A 283 20.90 -10.38 -20.97
C ASN A 283 19.67 -10.39 -21.86
N LYS A 284 18.63 -9.61 -21.55
CA LYS A 284 17.43 -9.55 -22.37
C LYS A 284 17.04 -8.10 -22.63
N PRO A 285 17.76 -7.44 -23.55
CA PRO A 285 17.41 -6.05 -23.86
C PRO A 285 16.18 -5.98 -24.76
N GLY A 286 15.53 -4.83 -24.76
CA GLY A 286 14.35 -4.63 -25.60
C GLY A 286 13.01 -4.93 -24.97
N ASP A 287 12.90 -4.93 -23.62
CA ASP A 287 11.61 -5.10 -22.97
C ASP A 287 10.76 -3.85 -23.27
N GLU A 288 9.44 -4.02 -23.46
CA GLU A 288 8.60 -2.90 -23.84
C GLU A 288 7.81 -2.24 -22.70
N TYR A 289 7.60 -0.93 -22.80
CA TYR A 289 6.79 -0.19 -21.83
C TYR A 289 5.79 0.66 -22.61
N MET A 290 4.54 0.23 -22.64
CA MET A 290 3.50 0.93 -23.35
C MET A 290 2.68 1.76 -22.38
N TYR A 291 2.80 3.10 -22.44
CA TYR A 291 2.06 3.98 -21.53
C TYR A 291 0.95 4.74 -22.23
N GLY A 292 -0.20 4.83 -21.57
CA GLY A 292 -1.39 5.46 -22.12
C GLY A 292 -1.89 6.74 -21.50
N GLY A 293 -0.98 7.58 -21.02
CA GLY A 293 -1.30 8.87 -20.43
C GLY A 293 -0.09 9.51 -19.76
N GLY A 294 -0.22 10.76 -19.35
CA GLY A 294 0.88 11.46 -18.67
C GLY A 294 0.84 11.31 -17.16
N CYS A 295 1.80 11.96 -16.46
CA CYS A 295 1.84 11.93 -15.00
C CYS A 295 1.40 13.27 -14.43
N ALA A 296 0.92 13.26 -13.20
CA ALA A 296 0.56 14.49 -12.48
C ALA A 296 0.77 14.23 -10.98
N GLU A 297 0.98 15.30 -10.19
CA GLU A 297 1.19 15.11 -8.76
CA GLU A 297 1.19 15.22 -8.74
C GLU A 297 -0.17 14.98 -8.04
N THR A 298 -0.88 13.89 -8.36
CA THR A 298 -2.18 13.55 -7.79
C THR A 298 -2.12 13.08 -6.32
N ASP A 299 -0.95 13.21 -5.66
CA ASP A 299 -0.83 12.91 -4.24
C ASP A 299 -1.31 14.11 -3.40
N GLU A 300 -1.40 15.32 -3.97
CA GLU A 300 -1.86 16.49 -3.25
C GLU A 300 -3.36 16.36 -3.06
N GLY A 301 -3.81 16.39 -1.81
CA GLY A 301 -5.21 16.26 -1.49
C GLY A 301 -5.73 14.82 -1.41
N HIS A 302 -4.81 13.85 -1.41
CA HIS A 302 -5.14 12.43 -1.32
C HIS A 302 -5.46 12.12 0.18
N ALA A 303 -6.53 11.34 0.45
CA ALA A 303 -6.93 11.06 1.84
C ALA A 303 -5.88 10.34 2.71
N HIS A 304 -4.97 9.55 2.09
CA HIS A 304 -3.89 8.85 2.77
C HIS A 304 -2.99 9.74 3.62
N TRP A 305 -2.72 10.99 3.22
CA TRP A 305 -1.87 11.88 4.03
C TRP A 305 -2.59 12.42 5.27
N LEU A 306 -3.93 12.60 5.16
CA LEU A 306 -4.80 13.03 6.26
C LEU A 306 -4.92 11.83 7.23
N GLU A 307 -5.19 10.63 6.70
CA GLU A 307 -5.24 9.40 7.48
C GLU A 307 -3.91 9.16 8.18
N ALA A 308 -2.77 9.52 7.56
CA ALA A 308 -1.46 9.36 8.22
C ALA A 308 -1.31 10.29 9.39
N ARG A 309 -1.88 11.51 9.30
CA ARG A 309 -1.90 12.46 10.42
C ARG A 309 -2.78 11.94 11.53
N MET A 310 -3.92 11.28 11.19
CA MET A 310 -4.80 10.68 12.19
C MET A 310 -4.07 9.62 12.99
N LEU A 311 -3.26 8.79 12.31
CA LEU A 311 -2.45 7.77 12.98
C LEU A 311 -1.35 8.42 13.84
N LEU A 312 -0.57 9.36 13.27
CA LEU A 312 0.55 9.98 13.98
C LEU A 312 0.15 10.73 15.24
N ASP A 313 -1.01 11.43 15.19
CA ASP A 313 -1.56 12.14 16.35
C ASP A 313 -1.89 11.21 17.52
N ASN A 314 -2.13 9.93 17.25
CA ASN A 314 -2.47 8.95 18.26
C ASN A 314 -1.33 7.98 18.62
N ILE A 315 -0.10 8.30 18.25
CA ILE A 315 1.07 7.52 18.59
C ILE A 315 1.90 8.35 19.57
N TYR A 316 2.27 7.74 20.68
CA TYR A 316 3.07 8.38 21.70
C TYR A 316 4.51 8.47 21.23
N LEU A 317 5.18 9.59 21.52
CA LEU A 317 6.57 9.78 21.13
C LEU A 317 7.36 10.23 22.37
N GLN A 318 6.86 11.29 23.04
CA GLN A 318 7.44 11.82 24.26
C GLN A 318 6.47 12.84 24.80
N ASP A 319 5.94 12.61 26.01
CA ASP A 319 4.95 13.46 26.68
C ASP A 319 3.85 14.03 25.69
N GLY A 320 3.77 15.35 25.50
CA GLY A 320 2.78 15.94 24.61
C GLY A 320 3.17 16.00 23.15
N LEU A 321 4.49 15.83 22.85
CA LEU A 321 5.01 15.86 21.48
C LEU A 321 4.32 14.87 20.54
N ILE A 322 4.25 15.24 19.27
CA ILE A 322 3.58 14.49 18.21
C ILE A 322 4.49 14.46 16.97
N ALA A 323 4.65 13.28 16.35
CA ALA A 323 5.52 13.14 15.19
C ALA A 323 4.99 13.88 13.99
N SER A 324 5.90 14.57 13.29
CA SER A 324 5.59 15.28 12.08
C SER A 324 5.71 14.30 10.90
N LEU A 325 5.10 14.64 9.75
CA LEU A 325 5.28 13.84 8.54
C LEU A 325 6.73 14.07 8.07
N TYR A 326 7.30 13.12 7.30
CA TYR A 326 8.63 13.23 6.66
C TYR A 326 8.57 14.49 5.77
N ARG A 327 9.49 15.46 5.99
CA ARG A 327 9.49 16.78 5.34
C ARG A 327 9.13 16.79 3.81
N PRO A 328 9.70 15.97 2.91
CA PRO A 328 9.27 16.02 1.50
C PRO A 328 7.81 15.63 1.23
N GLU A 329 7.06 15.15 2.24
CA GLU A 329 5.64 14.85 2.04
C GLU A 329 4.72 15.57 3.06
N ALA A 330 5.26 16.44 3.93
CA ALA A 330 4.46 17.15 4.91
C ALA A 330 3.48 18.19 4.36
N ASP A 331 3.66 18.61 3.10
CA ASP A 331 2.75 19.60 2.49
C ASP A 331 1.58 19.00 1.71
N LYS A 332 1.56 17.67 1.54
CA LYS A 332 0.48 17.04 0.79
C LYS A 332 -0.88 17.09 1.49
N VAL A 333 -0.93 17.58 2.74
CA VAL A 333 -2.18 17.69 3.47
C VAL A 333 -2.23 19.00 4.25
N ALA A 334 -3.43 19.55 4.43
CA ALA A 334 -3.60 20.77 5.21
C ALA A 334 -4.10 20.31 6.57
N ALA A 335 -3.18 19.87 7.44
CA ALA A 335 -3.57 19.36 8.76
C ALA A 335 -2.73 19.98 9.85
N ILE A 336 -3.35 20.16 11.01
CA ILE A 336 -2.73 20.75 12.19
C ILE A 336 -2.23 19.60 13.04
N GLU A 337 -0.92 19.52 13.34
CA GLU A 337 -0.41 18.43 14.17
C GLU A 337 -1.05 18.45 15.55
N GLY A 338 -1.73 17.36 15.86
CA GLY A 338 -2.44 17.23 17.13
C GLY A 338 -3.95 17.34 17.05
N GLU A 339 -4.51 17.81 15.92
CA GLU A 339 -5.97 18.00 15.82
C GLU A 339 -6.80 16.72 15.83
N PHE A 340 -6.17 15.57 15.57
CA PHE A 340 -6.85 14.26 15.60
C PHE A 340 -6.52 13.42 16.83
N LYS A 341 -5.85 14.01 17.83
CA LYS A 341 -5.47 13.29 19.05
C LYS A 341 -6.67 12.91 19.89
N LEU A 342 -6.98 11.63 19.97
CA LEU A 342 -8.14 11.14 20.71
C LEU A 342 -7.84 10.89 22.19
N ARG A 343 -8.90 10.88 23.02
CA ARG A 343 -8.73 10.55 24.44
C ARG A 343 -8.61 9.03 24.57
N THR A 344 -7.87 8.56 25.59
CA THR A 344 -7.55 7.17 25.90
C THR A 344 -8.60 6.12 25.41
N GLU A 345 -9.86 6.25 25.82
CA GLU A 345 -10.89 5.28 25.45
C GLU A 345 -11.29 5.34 23.98
N GLN A 346 -11.46 6.55 23.44
CA GLN A 346 -11.80 6.70 22.02
C GLN A 346 -10.63 6.20 21.15
N ARG A 347 -9.37 6.41 21.60
CA ARG A 347 -8.18 5.96 20.87
C ARG A 347 -8.14 4.45 20.82
N LYS A 348 -8.47 3.77 21.92
CA LYS A 348 -8.57 2.31 21.94
C LYS A 348 -9.65 1.84 20.94
N THR A 349 -10.80 2.49 20.90
CA THR A 349 -11.86 2.18 19.91
C THR A 349 -11.34 2.39 18.47
N PHE A 350 -10.59 3.49 18.24
CA PHE A 350 -10.01 3.85 16.94
C PHE A 350 -9.10 2.72 16.43
N VAL A 351 -8.24 2.20 17.30
CA VAL A 351 -7.32 1.12 16.99
C VAL A 351 -8.07 -0.21 16.74
N GLU A 352 -9.04 -0.55 17.59
CA GLU A 352 -9.82 -1.77 17.37
C GLU A 352 -10.61 -1.72 16.04
N LEU A 353 -11.17 -0.55 15.69
CA LEU A 353 -11.93 -0.39 14.43
C LEU A 353 -11.07 -0.63 13.20
N MET A 354 -9.78 -0.34 13.29
CA MET A 354 -8.86 -0.59 12.19
C MET A 354 -8.32 -2.03 12.24
N LYS A 355 -7.83 -2.46 13.38
CA LYS A 355 -7.18 -3.76 13.52
C LYS A 355 -8.15 -4.94 13.39
N ARG A 356 -9.27 -4.86 14.08
CA ARG A 356 -10.24 -5.96 14.06
C ARG A 356 -11.36 -5.68 13.07
N GLY A 357 -11.93 -4.47 13.09
CA GLY A 357 -13.03 -4.11 12.19
C GLY A 357 -12.64 -4.00 10.73
N ASP A 358 -11.35 -3.75 10.48
CA ASP A 358 -10.74 -3.60 9.17
C ASP A 358 -11.33 -2.44 8.39
N LEU A 359 -11.67 -1.36 9.09
CA LEU A 359 -12.24 -0.20 8.43
C LEU A 359 -11.12 0.74 8.01
N PRO A 360 -11.33 1.55 6.96
CA PRO A 360 -10.33 2.57 6.60
C PRO A 360 -10.06 3.50 7.78
N VAL A 361 -8.89 4.15 7.80
CA VAL A 361 -8.52 5.06 8.89
C VAL A 361 -9.55 6.17 9.10
N TRP A 362 -9.91 6.86 8.02
CA TRP A 362 -10.85 7.97 8.08
C TRP A 362 -12.19 7.54 8.69
N LEU A 363 -12.79 6.42 8.21
CA LEU A 363 -14.06 5.94 8.76
C LEU A 363 -13.93 5.51 10.24
N ALA A 364 -12.82 4.87 10.61
CA ALA A 364 -12.55 4.45 12.00
C ALA A 364 -12.48 5.68 12.94
N TYR A 365 -11.90 6.80 12.45
CA TYR A 365 -11.82 8.03 13.22
C TYR A 365 -13.20 8.67 13.45
N GLN A 366 -14.06 8.73 12.40
CA GLN A 366 -15.42 9.29 12.56
C GLN A 366 -16.21 8.57 13.63
N VAL A 367 -16.17 7.24 13.61
CA VAL A 367 -16.89 6.45 14.61
C VAL A 367 -16.33 6.62 16.05
N ALA A 368 -15.01 6.46 16.23
CA ALA A 368 -14.37 6.58 17.53
C ALA A 368 -14.48 7.99 18.13
N SER A 369 -14.30 9.06 17.29
CA SER A 369 -14.42 10.44 17.74
C SER A 369 -15.88 10.82 18.12
N ALA A 370 -16.88 10.08 17.61
CA ALA A 370 -18.27 10.31 17.98
C ALA A 370 -18.66 9.63 19.34
N GLY A 371 -17.69 8.99 20.01
CA GLY A 371 -17.90 8.33 21.28
C GLY A 371 -18.62 6.99 21.21
N ILE A 372 -18.63 6.36 20.03
CA ILE A 372 -19.26 5.07 19.81
C ILE A 372 -18.25 3.98 20.12
N THR A 373 -18.70 2.94 20.85
CA THR A 373 -17.90 1.78 21.24
C THR A 373 -17.76 0.80 20.08
N TYR A 374 -16.68 0.02 20.05
CA TYR A 374 -16.40 -0.89 18.93
C TYR A 374 -17.58 -1.78 18.51
N THR A 375 -18.30 -2.38 19.47
CA THR A 375 -19.35 -3.34 19.15
C THR A 375 -20.71 -2.71 18.77
N ASP A 376 -20.86 -1.40 18.96
CA ASP A 376 -22.10 -0.70 18.65
C ASP A 376 -22.14 -0.42 17.14
N ARG A 377 -23.02 -1.12 16.41
CA ARG A 377 -23.12 -0.99 14.96
C ARG A 377 -24.34 -0.25 14.47
N ARG A 378 -25.04 0.50 15.35
CA ARG A 378 -26.22 1.26 14.98
C ARG A 378 -25.89 2.31 13.91
N TRP A 379 -24.68 2.88 13.95
CA TRP A 379 -24.26 3.85 12.95
C TRP A 379 -24.29 3.32 11.51
N CYS A 380 -24.19 1.98 11.32
CA CYS A 380 -24.20 1.43 9.96
C CYS A 380 -25.58 1.51 9.29
N PHE A 381 -26.62 1.93 10.01
CA PHE A 381 -27.98 1.93 9.50
C PHE A 381 -28.72 3.23 9.67
N ASP A 382 -28.13 4.25 10.34
CA ASP A 382 -28.88 5.48 10.60
C ASP A 382 -28.39 6.73 9.85
N GLY A 383 -27.73 6.55 8.72
CA GLY A 383 -27.32 7.68 7.90
C GLY A 383 -28.45 8.20 7.03
N THR A 384 -28.21 9.30 6.30
CA THR A 384 -29.21 9.88 5.40
C THR A 384 -29.50 8.95 4.20
N THR A 385 -30.62 9.17 3.50
CA THR A 385 -31.02 8.33 2.36
C THR A 385 -29.88 8.16 1.31
N ASN A 386 -29.20 9.25 0.93
CA ASN A 386 -28.16 9.20 -0.10
C ASN A 386 -26.87 8.48 0.36
N ASN A 387 -26.78 8.11 1.65
CA ASN A 387 -25.71 7.28 2.15
C ASN A 387 -26.06 5.76 2.01
N THR A 388 -27.21 5.39 1.42
CA THR A 388 -27.62 4.00 1.21
C THR A 388 -26.56 3.31 0.33
N ILE A 389 -26.03 2.15 0.72
CA ILE A 389 -25.05 1.46 -0.12
C ILE A 389 -25.80 0.58 -1.11
N MET A 390 -25.46 0.68 -2.41
CA MET A 390 -26.14 -0.07 -3.46
C MET A 390 -25.41 -1.34 -3.89
N GLU A 391 -26.14 -2.44 -3.98
CA GLU A 391 -25.62 -3.73 -4.42
CA GLU A 391 -25.62 -3.72 -4.42
C GLU A 391 -26.44 -4.12 -5.65
N ASP A 392 -25.79 -4.32 -6.80
CA ASP A 392 -26.49 -4.68 -8.04
C ASP A 392 -27.69 -3.76 -8.38
N SER A 393 -27.51 -2.44 -8.20
CA SER A 393 -28.53 -1.41 -8.48
C SER A 393 -29.75 -1.45 -7.54
N VAL A 394 -29.65 -2.17 -6.43
CA VAL A 394 -30.71 -2.30 -5.40
C VAL A 394 -30.06 -2.06 -4.02
N PRO A 395 -30.70 -1.35 -3.06
CA PRO A 395 -30.05 -1.15 -1.75
C PRO A 395 -29.61 -2.45 -1.07
N ALA A 396 -28.40 -2.47 -0.48
CA ALA A 396 -27.87 -3.65 0.19
C ALA A 396 -28.60 -3.91 1.50
N GLU A 397 -28.82 -5.19 1.80
CA GLU A 397 -29.54 -5.55 3.00
C GLU A 397 -28.70 -6.43 3.89
N VAL A 398 -28.76 -6.20 5.21
CA VAL A 398 -28.05 -7.05 6.16
C VAL A 398 -28.99 -7.40 7.31
N TRP A 399 -28.77 -8.56 7.94
CA TRP A 399 -29.48 -8.89 9.15
C TRP A 399 -28.61 -8.40 10.29
N THR A 400 -29.14 -7.46 11.09
CA THR A 400 -28.44 -6.93 12.25
C THR A 400 -28.22 -8.05 13.32
N LYS A 401 -27.39 -7.77 14.35
CA LYS A 401 -27.20 -8.70 15.45
C LYS A 401 -28.49 -8.97 16.24
N TYR A 402 -29.50 -8.09 16.10
CA TYR A 402 -30.81 -8.27 16.73
C TYR A 402 -31.78 -9.17 15.95
N GLY A 403 -31.38 -9.65 14.76
CA GLY A 403 -32.22 -10.52 13.95
C GLY A 403 -33.21 -9.77 13.06
N GLU A 404 -32.94 -8.49 12.80
CA GLU A 404 -33.82 -7.68 11.98
C GLU A 404 -33.15 -7.34 10.64
N LYS A 405 -33.92 -7.37 9.52
CA LYS A 405 -33.37 -7.09 8.18
C LYS A 405 -33.40 -5.60 7.92
N ARG A 406 -32.23 -4.98 7.65
CA ARG A 406 -32.16 -3.55 7.44
C ARG A 406 -31.28 -3.16 6.27
N VAL A 407 -31.65 -2.05 5.59
CA VAL A 407 -30.90 -1.45 4.49
C VAL A 407 -29.60 -0.88 5.06
N LEU A 408 -28.48 -1.22 4.44
CA LEU A 408 -27.16 -0.73 4.83
C LEU A 408 -27.11 0.73 4.47
N LYS A 409 -26.92 1.61 5.46
CA LYS A 409 -27.00 3.06 5.21
C LYS A 409 -26.17 3.78 6.28
N PRO A 410 -24.84 3.77 6.12
CA PRO A 410 -23.97 4.29 7.20
C PRO A 410 -24.09 5.76 7.49
N ARG A 411 -23.87 6.17 8.74
CA ARG A 411 -23.92 7.58 9.10
C ARG A 411 -22.80 8.35 8.37
N TRP A 412 -21.62 7.72 8.25
CA TRP A 412 -20.52 8.26 7.48
C TRP A 412 -20.28 7.33 6.31
N MET A 413 -20.14 7.91 5.13
CA MET A 413 -19.94 7.13 3.93
C MET A 413 -18.50 7.17 3.42
N ASP A 414 -17.87 6.00 3.32
CA ASP A 414 -16.53 5.89 2.79
C ASP A 414 -16.61 4.88 1.63
N ALA A 415 -16.46 5.38 0.39
CA ALA A 415 -16.51 4.60 -0.85
C ALA A 415 -15.65 3.34 -0.80
N ARG A 416 -14.55 3.37 -0.05
CA ARG A 416 -13.68 2.22 0.08
C ARG A 416 -14.35 0.97 0.70
N VAL A 417 -15.41 1.15 1.53
CA VAL A 417 -16.06 -0.02 2.13
C VAL A 417 -16.96 -0.78 1.16
N CYS A 418 -17.14 -0.30 -0.07
CA CYS A 418 -17.97 -0.98 -1.05
C CYS A 418 -17.46 -0.75 -2.47
N SER A 419 -16.15 -0.58 -2.65
CA SER A 419 -15.54 -0.35 -3.98
C SER A 419 -15.56 -1.59 -4.87
N ASP A 420 -15.62 -2.76 -4.27
CA ASP A 420 -15.71 -4.02 -5.00
C ASP A 420 -16.60 -5.00 -4.20
N HIS A 421 -16.84 -6.21 -4.72
CA HIS A 421 -17.69 -7.19 -4.04
C HIS A 421 -17.08 -7.65 -2.72
N ALA A 422 -15.76 -7.92 -2.68
CA ALA A 422 -15.07 -8.40 -1.47
C ALA A 422 -15.11 -7.36 -0.35
N ALA A 423 -14.96 -6.07 -0.72
CA ALA A 423 -15.00 -4.98 0.24
C ALA A 423 -16.43 -4.88 0.83
N LEU A 424 -17.48 -4.85 -0.02
CA LEU A 424 -18.87 -4.76 0.43
C LEU A 424 -19.25 -5.98 1.28
N LYS A 425 -18.86 -7.20 0.86
CA LYS A 425 -19.15 -8.41 1.62
C LYS A 425 -18.51 -8.32 3.03
N SER A 426 -17.30 -7.74 3.15
CA SER A 426 -16.66 -7.59 4.45
C SER A 426 -17.36 -6.51 5.29
N PHE A 427 -17.86 -5.44 4.67
CA PHE A 427 -18.59 -4.39 5.40
C PHE A 427 -19.98 -4.85 5.82
N LYS A 428 -20.59 -5.82 5.10
CA LYS A 428 -21.89 -6.34 5.50
C LYS A 428 -21.74 -7.13 6.78
N GLU A 429 -20.70 -7.99 6.85
CA GLU A 429 -20.35 -8.79 8.03
C GLU A 429 -20.03 -7.88 9.22
N PHE A 430 -19.33 -6.75 8.99
CA PHE A 430 -19.04 -5.81 10.06
C PHE A 430 -20.35 -5.24 10.62
N ALA A 431 -21.22 -4.71 9.73
CA ALA A 431 -22.53 -4.14 10.11
C ALA A 431 -23.46 -5.16 10.76
N ALA A 432 -23.23 -6.45 10.51
CA ALA A 432 -24.04 -7.53 11.12
C ALA A 432 -23.55 -7.95 12.51
N GLY A 433 -22.41 -7.44 12.96
CA GLY A 433 -21.82 -7.81 14.23
C GLY A 433 -21.05 -9.12 14.17
N LYS A 434 -20.59 -9.51 12.97
CA LYS A 434 -19.86 -10.77 12.79
C LYS A 434 -18.37 -10.68 13.11
N ARG A 435 -17.82 -9.47 13.32
CA ARG A 435 -16.44 -9.34 13.78
C ARG A 435 -16.23 -8.08 14.63
#